data_2EIS
#
_entry.id   2EIS
#
_cell.length_a   105.675
_cell.length_b   105.675
_cell.length_c   105.675
_cell.angle_alpha   90.00
_cell.angle_beta   90.00
_cell.angle_gamma   90.00
#
_symmetry.space_group_name_H-M   'P 21 3'
#
loop_
_entity.id
_entity.type
_entity.pdbx_description
1 polymer 'Hypothetical protein TTHB207'
2 non-polymer 'COENZYME A'
3 water water
#
_entity_poly.entity_id   1
_entity_poly.type   'polypeptide(L)'
_entity_poly.pdbx_seq_one_letter_code
;(MSE)RETR(MSE)VYPVFPGETNHYGTLFGGTVLAW(MSE)DQAAFVAATRHARKKVVTVHADAVDFKRPVPLGAIVEL
VARLKEVGRTS(MSE)RVEVE(MSE)WVEPVKEGEEAYLAARGGFVLVAVDERGRPSPVPPLEGGEAHAPHGP
;
_entity_poly.pdbx_strand_id   A,B
#
loop_
_chem_comp.id
_chem_comp.type
_chem_comp.name
_chem_comp.formula
COA non-polymer 'COENZYME A' 'C21 H36 N7 O16 P3 S'
#
# COMPACT_ATOMS: atom_id res chain seq x y z
N GLU A 3 -6.28 -11.19 3.58
CA GLU A 3 -6.20 -10.19 2.47
C GLU A 3 -4.98 -9.30 2.59
N THR A 4 -4.50 -8.83 1.45
CA THR A 4 -3.36 -7.93 1.39
C THR A 4 -3.88 -6.67 0.72
N ARG A 5 -3.70 -5.52 1.39
CA ARG A 5 -4.18 -4.26 0.84
C ARG A 5 -3.11 -3.19 0.75
N MSE A 6 -3.23 -2.36 -0.29
CA MSE A 6 -2.31 -1.26 -0.52
C MSE A 6 -3.12 -0.15 -1.16
O MSE A 6 -3.88 -0.39 -2.10
CB MSE A 6 -1.18 -1.68 -1.47
CG MSE A 6 -0.65 -3.10 -1.25
SE MSE A 6 0.98 -3.44 -2.28
CE MSE A 6 0.27 -3.25 -4.07
N VAL A 7 -2.98 1.08 -0.65
CA VAL A 7 -3.71 2.21 -1.20
C VAL A 7 -2.69 3.19 -1.75
N TYR A 8 -3.02 3.84 -2.85
CA TYR A 8 -2.11 4.80 -3.45
C TYR A 8 -2.86 5.98 -4.02
N PRO A 9 -2.31 7.19 -3.86
CA PRO A 9 -2.96 8.38 -4.41
C PRO A 9 -2.35 8.35 -5.82
N VAL A 10 -3.07 8.77 -6.84
CA VAL A 10 -2.49 8.74 -8.17
C VAL A 10 -1.89 10.10 -8.52
N PHE A 11 -0.55 10.17 -8.51
CA PHE A 11 0.14 11.42 -8.83
C PHE A 11 0.65 11.45 -10.28
N PRO A 12 0.99 12.66 -10.80
CA PRO A 12 1.49 12.82 -12.16
C PRO A 12 2.57 11.81 -12.58
N GLY A 13 3.51 11.55 -11.67
CA GLY A 13 4.60 10.64 -11.97
C GLY A 13 4.21 9.19 -12.31
N GLU A 14 2.98 8.81 -12.02
CA GLU A 14 2.49 7.45 -12.28
C GLU A 14 1.52 7.42 -13.46
N THR A 15 1.30 8.56 -14.10
CA THR A 15 0.38 8.63 -15.21
C THR A 15 1.03 8.61 -16.59
N ASN A 16 0.19 8.38 -17.59
CA ASN A 16 0.60 8.39 -18.99
C ASN A 16 0.30 9.82 -19.42
N HIS A 17 0.51 10.12 -20.70
CA HIS A 17 0.24 11.46 -21.20
C HIS A 17 -1.23 11.83 -21.25
N TYR A 18 -2.12 10.88 -20.98
CA TYR A 18 -3.56 11.18 -21.01
C TYR A 18 -4.03 11.67 -19.64
N GLY A 19 -3.18 11.55 -18.64
CA GLY A 19 -3.60 11.97 -17.30
C GLY A 19 -4.28 10.86 -16.53
N THR A 20 -4.06 9.62 -16.95
CA THR A 20 -4.63 8.48 -16.25
C THR A 20 -3.50 7.55 -15.84
N LEU A 21 -3.76 6.72 -14.83
CA LEU A 21 -2.77 5.77 -14.33
C LEU A 21 -2.26 4.90 -15.46
N PHE A 22 -0.93 4.87 -15.65
CA PHE A 22 -0.32 4.07 -16.69
C PHE A 22 -0.54 2.58 -16.44
N GLY A 23 -0.90 1.85 -17.50
CA GLY A 23 -1.15 0.43 -17.36
C GLY A 23 0.03 -0.37 -16.83
N GLY A 24 1.24 0.01 -17.25
CA GLY A 24 2.42 -0.71 -16.78
C GLY A 24 2.55 -0.56 -15.29
N THR A 25 2.16 0.61 -14.78
CA THR A 25 2.23 0.85 -13.36
C THR A 25 1.19 0.03 -12.60
N VAL A 26 -0.03 -0.09 -13.12
CA VAL A 26 -1.00 -0.89 -12.37
C VAL A 26 -0.52 -2.35 -12.33
N LEU A 27 0.09 -2.82 -13.43
CA LEU A 27 0.59 -4.20 -13.47
C LEU A 27 1.66 -4.43 -12.42
N ALA A 28 2.55 -3.44 -12.28
CA ALA A 28 3.63 -3.54 -11.30
C ALA A 28 3.08 -3.55 -9.87
N TRP A 29 2.07 -2.73 -9.61
CA TRP A 29 1.48 -2.66 -8.27
C TRP A 29 0.72 -3.95 -7.93
N MSE A 30 0.01 -4.51 -8.91
CA MSE A 30 -0.73 -5.75 -8.70
C MSE A 30 0.25 -6.88 -8.40
O MSE A 30 0.04 -7.69 -7.49
CB MSE A 30 -1.54 -6.13 -9.95
CG MSE A 30 -2.56 -5.11 -10.39
SE MSE A 30 -3.65 -5.85 -11.80
CE MSE A 30 -5.39 -5.36 -11.13
N ASP A 31 1.33 -6.95 -9.18
CA ASP A 31 2.31 -7.99 -8.97
C ASP A 31 2.92 -7.86 -7.58
N GLN A 32 3.23 -6.63 -7.18
CA GLN A 32 3.78 -6.39 -5.86
C GLN A 32 2.80 -6.88 -4.81
N ALA A 33 1.52 -6.59 -5.00
CA ALA A 33 0.49 -7.01 -4.08
C ALA A 33 0.43 -8.55 -3.98
N ALA A 34 0.47 -9.21 -5.13
CA ALA A 34 0.43 -10.67 -5.19
C ALA A 34 1.69 -11.23 -4.55
N PHE A 35 2.82 -10.58 -4.80
CA PHE A 35 4.09 -11.01 -4.24
C PHE A 35 4.00 -11.00 -2.71
N VAL A 36 3.39 -9.96 -2.15
CA VAL A 36 3.25 -9.85 -0.69
C VAL A 36 2.31 -10.90 -0.12
N ALA A 37 1.14 -11.05 -0.73
CA ALA A 37 0.17 -12.04 -0.26
C ALA A 37 0.74 -13.47 -0.34
N ALA A 38 1.50 -13.76 -1.39
CA ALA A 38 2.10 -15.08 -1.56
C ALA A 38 3.18 -15.33 -0.52
N THR A 39 3.99 -14.32 -0.26
CA THR A 39 5.07 -14.45 0.72
C THR A 39 4.46 -14.74 2.10
N ARG A 40 3.38 -14.04 2.41
CA ARG A 40 2.70 -14.21 3.68
C ARG A 40 2.19 -15.64 3.86
N HIS A 41 1.70 -16.24 2.79
CA HIS A 41 1.18 -17.60 2.88
C HIS A 41 2.29 -18.64 2.92
N ALA A 42 3.24 -18.53 2.00
CA ALA A 42 4.33 -19.49 1.92
C ALA A 42 5.35 -19.39 3.05
N ARG A 43 5.45 -18.21 3.64
CA ARG A 43 6.40 -18.00 4.73
C ARG A 43 7.82 -18.28 4.23
N LYS A 44 8.07 -17.96 2.96
CA LYS A 44 9.39 -18.13 2.37
C LYS A 44 9.49 -17.30 1.10
N LYS A 45 10.65 -17.32 0.46
CA LYS A 45 10.84 -16.55 -0.76
C LYS A 45 9.98 -17.08 -1.90
N VAL A 46 9.38 -16.15 -2.66
CA VAL A 46 8.55 -16.50 -3.80
C VAL A 46 8.93 -15.67 -5.02
N VAL A 47 8.51 -16.14 -6.19
CA VAL A 47 8.76 -15.46 -7.45
C VAL A 47 7.49 -15.54 -8.29
N THR A 48 7.30 -14.58 -9.18
CA THR A 48 6.13 -14.59 -10.05
C THR A 48 6.50 -15.45 -11.26
N VAL A 49 5.67 -16.42 -11.61
CA VAL A 49 5.98 -17.27 -12.75
C VAL A 49 4.98 -17.08 -13.85
N HIS A 50 3.80 -16.59 -13.49
CA HIS A 50 2.75 -16.45 -14.48
C HIS A 50 1.71 -15.40 -14.10
N ALA A 51 1.14 -14.78 -15.12
CA ALA A 51 0.09 -13.80 -14.92
C ALA A 51 -0.94 -14.09 -16.00
N ASP A 52 -2.22 -14.03 -15.67
CA ASP A 52 -3.24 -14.26 -16.69
C ASP A 52 -4.47 -13.42 -16.46
N ALA A 53 -5.25 -13.27 -17.53
CA ALA A 53 -6.49 -12.52 -17.49
C ALA A 53 -6.48 -11.20 -16.73
N VAL A 54 -5.60 -10.28 -17.11
CA VAL A 54 -5.60 -8.98 -16.46
C VAL A 54 -6.50 -8.11 -17.32
N ASP A 55 -7.58 -7.57 -16.73
CA ASP A 55 -8.47 -6.72 -17.49
C ASP A 55 -8.47 -5.30 -16.95
N PHE A 56 -8.34 -4.33 -17.85
CA PHE A 56 -8.36 -2.92 -17.48
C PHE A 56 -9.74 -2.47 -17.93
N LYS A 57 -10.67 -2.45 -16.98
CA LYS A 57 -12.05 -2.10 -17.25
C LYS A 57 -12.35 -0.62 -17.35
N ARG A 58 -11.83 0.16 -16.42
CA ARG A 58 -12.08 1.60 -16.42
C ARG A 58 -10.81 2.39 -16.15
N PRO A 59 -10.69 3.58 -16.76
CA PRO A 59 -9.50 4.40 -16.56
C PRO A 59 -9.41 4.95 -15.13
N VAL A 60 -8.19 5.18 -14.66
CA VAL A 60 -7.98 5.72 -13.32
C VAL A 60 -7.40 7.12 -13.48
N PRO A 61 -8.23 8.15 -13.23
CA PRO A 61 -7.81 9.55 -13.35
C PRO A 61 -6.76 10.04 -12.37
N LEU A 62 -6.01 11.04 -12.81
CA LEU A 62 -4.97 11.66 -12.00
C LEU A 62 -5.70 12.14 -10.74
N GLY A 63 -5.10 11.94 -9.57
CA GLY A 63 -5.72 12.38 -8.33
C GLY A 63 -6.67 11.40 -7.66
N ALA A 64 -6.92 10.28 -8.31
CA ALA A 64 -7.81 9.29 -7.73
C ALA A 64 -7.06 8.53 -6.65
N ILE A 65 -7.82 7.94 -5.73
CA ILE A 65 -7.25 7.11 -4.68
C ILE A 65 -7.64 5.70 -5.10
N VAL A 66 -6.67 4.81 -5.18
CA VAL A 66 -6.97 3.44 -5.58
C VAL A 66 -6.57 2.47 -4.49
N GLU A 67 -7.32 1.38 -4.38
CA GLU A 67 -7.01 0.38 -3.38
C GLU A 67 -6.82 -0.95 -4.09
N LEU A 68 -5.70 -1.60 -3.78
CA LEU A 68 -5.37 -2.88 -4.35
C LEU A 68 -5.67 -3.93 -3.30
N VAL A 69 -6.36 -5.00 -3.68
CA VAL A 69 -6.66 -6.06 -2.73
C VAL A 69 -6.26 -7.39 -3.36
N ALA A 70 -5.34 -8.10 -2.70
CA ALA A 70 -4.87 -9.38 -3.20
C ALA A 70 -5.37 -10.50 -2.31
N ARG A 71 -5.89 -11.55 -2.93
CA ARG A 71 -6.41 -12.69 -2.19
C ARG A 71 -5.96 -14.02 -2.81
N LEU A 72 -5.45 -14.91 -1.96
CA LEU A 72 -4.99 -16.23 -2.37
C LEU A 72 -6.25 -17.01 -2.78
N LYS A 73 -6.28 -17.48 -4.03
CA LYS A 73 -7.45 -18.21 -4.52
C LYS A 73 -7.30 -19.71 -4.56
N GLU A 74 -6.08 -20.18 -4.76
CA GLU A 74 -5.85 -21.62 -4.81
C GLU A 74 -4.38 -21.93 -4.62
N VAL A 75 -4.10 -23.13 -4.14
CA VAL A 75 -2.74 -23.56 -3.89
C VAL A 75 -2.50 -24.94 -4.48
N GLY A 76 -1.34 -25.12 -5.10
CA GLY A 76 -0.99 -26.42 -5.67
C GLY A 76 -0.03 -27.07 -4.70
N ARG A 77 1.21 -27.24 -5.12
CA ARG A 77 2.22 -27.83 -4.23
C ARG A 77 3.20 -26.73 -3.81
N THR A 78 3.84 -26.11 -4.79
CA THR A 78 4.79 -25.03 -4.50
C THR A 78 4.25 -23.72 -5.07
N SER A 79 3.18 -23.82 -5.87
CA SER A 79 2.60 -22.65 -6.50
C SER A 79 1.33 -22.13 -5.83
N MSE A 80 1.05 -20.85 -6.04
CA MSE A 80 -0.12 -20.19 -5.48
C MSE A 80 -0.71 -19.24 -6.51
O MSE A 80 0.02 -18.55 -7.21
CB MSE A 80 0.26 -19.39 -4.24
CG MSE A 80 0.89 -20.18 -3.12
SE MSE A 80 1.96 -19.07 -1.94
CE MSE A 80 3.65 -19.25 -2.85
N ARG A 81 -2.03 -19.23 -6.59
CA ARG A 81 -2.71 -18.33 -7.51
C ARG A 81 -3.37 -17.24 -6.68
N VAL A 82 -3.00 -15.99 -6.98
CA VAL A 82 -3.54 -14.84 -6.28
C VAL A 82 -4.30 -13.94 -7.23
N GLU A 83 -5.50 -13.54 -6.81
CA GLU A 83 -6.32 -12.65 -7.60
C GLU A 83 -6.13 -11.25 -7.02
N VAL A 84 -5.89 -10.27 -7.88
CA VAL A 84 -5.71 -8.90 -7.45
C VAL A 84 -6.72 -7.99 -8.13
N GLU A 85 -7.36 -7.14 -7.33
CA GLU A 85 -8.34 -6.19 -7.84
C GLU A 85 -7.87 -4.79 -7.50
N MSE A 86 -8.17 -3.84 -8.39
CA MSE A 86 -7.82 -2.47 -8.11
C MSE A 86 -9.09 -1.63 -8.18
O MSE A 86 -9.73 -1.55 -9.22
CB MSE A 86 -6.79 -1.94 -9.10
CG MSE A 86 -6.52 -0.45 -8.90
SE MSE A 86 -5.14 0.28 -10.03
CE MSE A 86 -6.17 0.50 -11.64
N TRP A 87 -9.46 -1.05 -7.04
CA TRP A 87 -10.64 -0.23 -6.94
C TRP A 87 -10.27 1.23 -6.80
N VAL A 88 -11.05 2.12 -7.38
CA VAL A 88 -10.76 3.52 -7.18
C VAL A 88 -11.87 3.96 -6.21
N GLU A 89 -11.46 4.60 -5.14
CA GLU A 89 -12.40 5.06 -4.13
C GLU A 89 -12.62 6.56 -4.17
N PRO A 90 -13.76 6.98 -4.75
CA PRO A 90 -14.05 8.42 -4.83
C PRO A 90 -14.03 9.08 -3.45
N VAL A 91 -13.69 10.36 -3.41
CA VAL A 91 -13.62 11.08 -2.15
C VAL A 91 -14.83 12.01 -1.95
N LYS A 92 -15.30 12.60 -3.03
CA LYS A 92 -16.44 13.50 -2.95
C LYS A 92 -17.73 12.74 -2.66
N GLU A 93 -18.50 13.24 -1.69
CA GLU A 93 -19.76 12.60 -1.34
C GLU A 93 -20.62 12.38 -2.57
N GLY A 94 -21.34 11.26 -2.59
CA GLY A 94 -22.18 10.94 -3.72
C GLY A 94 -21.57 9.83 -4.56
N GLU A 95 -20.37 10.09 -5.07
CA GLU A 95 -19.65 9.12 -5.90
C GLU A 95 -19.42 7.81 -5.15
N GLU A 96 -19.33 6.71 -5.89
CA GLU A 96 -19.11 5.40 -5.28
C GLU A 96 -17.88 4.72 -5.88
N ALA A 97 -17.35 3.75 -5.15
CA ALA A 97 -16.17 3.01 -5.58
C ALA A 97 -16.48 2.08 -6.75
N TYR A 98 -15.53 1.93 -7.66
CA TYR A 98 -15.71 1.05 -8.80
C TYR A 98 -14.44 0.26 -9.08
N LEU A 99 -14.63 -0.94 -9.63
CA LEU A 99 -13.51 -1.82 -9.96
C LEU A 99 -12.87 -1.28 -11.24
N ALA A 100 -11.60 -0.94 -11.16
CA ALA A 100 -10.89 -0.40 -12.32
C ALA A 100 -10.16 -1.49 -13.09
N ALA A 101 -9.59 -2.44 -12.36
CA ALA A 101 -8.86 -3.54 -12.97
C ALA A 101 -8.80 -4.75 -12.06
N ARG A 102 -8.55 -5.91 -12.67
CA ARG A 102 -8.45 -7.16 -11.94
C ARG A 102 -7.57 -8.12 -12.73
N GLY A 103 -6.80 -8.94 -12.01
CA GLY A 103 -5.94 -9.89 -12.68
C GLY A 103 -5.54 -11.03 -11.77
N GLY A 104 -5.02 -12.10 -12.39
CA GLY A 104 -4.59 -13.26 -11.65
C GLY A 104 -3.09 -13.49 -11.83
N PHE A 105 -2.44 -13.92 -10.76
CA PHE A 105 -1.00 -14.15 -10.79
C PHE A 105 -0.70 -15.49 -10.14
N VAL A 106 0.32 -16.18 -10.65
CA VAL A 106 0.74 -17.43 -10.06
C VAL A 106 2.16 -17.22 -9.55
N LEU A 107 2.36 -17.47 -8.26
CA LEU A 107 3.66 -17.30 -7.63
C LEU A 107 4.14 -18.67 -7.15
N VAL A 108 5.46 -18.83 -7.12
CA VAL A 108 6.07 -20.08 -6.69
C VAL A 108 7.07 -19.86 -5.55
N ALA A 109 6.93 -20.63 -4.48
CA ALA A 109 7.85 -20.50 -3.36
C ALA A 109 9.11 -21.27 -3.73
N VAL A 110 10.26 -20.75 -3.32
CA VAL A 110 11.53 -21.41 -3.64
C VAL A 110 12.44 -21.46 -2.42
N ASP A 111 13.34 -22.43 -2.40
CA ASP A 111 14.27 -22.55 -1.29
C ASP A 111 15.44 -21.62 -1.51
N GLU A 112 16.41 -21.65 -0.61
CA GLU A 112 17.57 -20.79 -0.71
C GLU A 112 18.36 -21.07 -1.99
N ARG A 113 18.18 -22.27 -2.53
CA ARG A 113 18.86 -22.66 -3.75
C ARG A 113 18.08 -22.19 -4.97
N GLY A 114 16.89 -21.66 -4.74
CA GLY A 114 16.08 -21.16 -5.84
C GLY A 114 15.17 -22.22 -6.45
N ARG A 115 15.07 -23.36 -5.78
CA ARG A 115 14.23 -24.45 -6.27
C ARG A 115 12.84 -24.41 -5.65
N PRO A 116 11.80 -24.70 -6.47
CA PRO A 116 10.41 -24.71 -6.00
C PRO A 116 10.29 -25.45 -4.68
N SER A 117 9.63 -24.82 -3.70
CA SER A 117 9.46 -25.41 -2.39
C SER A 117 7.98 -25.42 -2.01
N PRO A 118 7.53 -26.50 -1.34
CA PRO A 118 6.13 -26.68 -0.91
C PRO A 118 5.59 -25.57 -0.01
N VAL A 119 4.33 -25.22 -0.21
CA VAL A 119 3.71 -24.19 0.60
C VAL A 119 2.52 -24.81 1.33
N PRO A 120 2.17 -24.26 2.50
CA PRO A 120 1.04 -24.78 3.27
C PRO A 120 -0.23 -24.74 2.43
N PRO A 121 -1.19 -25.64 2.69
CA PRO A 121 -2.43 -25.63 1.92
C PRO A 121 -3.25 -24.42 2.36
N LEU A 122 -4.26 -24.05 1.58
CA LEU A 122 -5.10 -22.91 1.93
C LEU A 122 -6.28 -23.37 2.78
N GLU A 123 -6.91 -22.42 3.46
CA GLU A 123 -8.07 -22.73 4.30
C GLU A 123 -9.08 -21.59 4.30
N GLU B 3 -9.25 2.94 8.86
CA GLU B 3 -7.91 2.39 9.04
C GLU B 3 -7.26 2.14 7.67
N THR B 4 -6.34 3.02 7.30
CA THR B 4 -5.65 2.93 6.03
C THR B 4 -4.40 2.05 6.13
N ARG B 5 -4.25 1.12 5.18
CA ARG B 5 -3.12 0.22 5.18
C ARG B 5 -2.42 0.11 3.83
N MSE B 6 -1.10 -0.02 3.87
CA MSE B 6 -0.27 -0.17 2.69
C MSE B 6 0.86 -1.13 3.07
O MSE B 6 1.45 -1.01 4.14
CB MSE B 6 0.36 1.18 2.27
CG MSE B 6 -0.61 2.31 1.98
SE MSE B 6 0.30 3.86 1.19
CE MSE B 6 1.15 4.52 2.78
N VAL B 7 1.14 -2.09 2.19
CA VAL B 7 2.20 -3.04 2.44
C VAL B 7 3.19 -2.95 1.30
N TYR B 8 4.48 -2.98 1.62
CA TYR B 8 5.51 -2.89 0.59
C TYR B 8 6.63 -3.86 0.84
N PRO B 9 7.21 -4.41 -0.23
CA PRO B 9 8.33 -5.33 -0.08
C PRO B 9 9.49 -4.33 -0.12
N VAL B 10 10.57 -4.54 0.62
CA VAL B 10 11.67 -3.58 0.57
C VAL B 10 12.74 -4.02 -0.42
N PHE B 11 12.79 -3.35 -1.57
CA PHE B 11 13.76 -3.67 -2.62
C PHE B 11 14.97 -2.71 -2.60
N PRO B 12 16.07 -3.07 -3.30
CA PRO B 12 17.29 -2.25 -3.35
C PRO B 12 17.07 -0.77 -3.66
N GLY B 13 16.14 -0.49 -4.56
CA GLY B 13 15.87 0.88 -4.95
C GLY B 13 15.40 1.82 -3.85
N GLU B 14 14.93 1.26 -2.73
CA GLU B 14 14.44 2.08 -1.63
C GLU B 14 15.36 2.07 -0.42
N THR B 15 16.52 1.44 -0.57
CA THR B 15 17.45 1.37 0.54
C THR B 15 18.58 2.40 0.43
N ASN B 16 19.29 2.56 1.54
CA ASN B 16 20.43 3.45 1.62
C ASN B 16 21.60 2.50 1.33
N HIS B 17 22.81 3.03 1.36
CA HIS B 17 23.98 2.20 1.10
C HIS B 17 24.25 1.16 2.18
N TYR B 18 23.45 1.14 3.24
CA TYR B 18 23.64 0.15 4.32
C TYR B 18 22.80 -1.09 4.05
N GLY B 19 21.85 -0.99 3.14
CA GLY B 19 21.00 -2.14 2.86
C GLY B 19 19.74 -2.13 3.71
N THR B 20 19.41 -0.99 4.28
CA THR B 20 18.20 -0.86 5.07
C THR B 20 17.34 0.21 4.41
N LEU B 21 16.05 0.19 4.70
CA LEU B 21 15.12 1.16 4.12
C LEU B 21 15.54 2.57 4.48
N PHE B 22 15.72 3.41 3.47
CA PHE B 22 16.14 4.80 3.67
C PHE B 22 15.08 5.59 4.43
N GLY B 23 15.52 6.37 5.42
CA GLY B 23 14.60 7.16 6.22
C GLY B 23 13.71 8.10 5.43
N GLY B 24 14.26 8.69 4.37
CA GLY B 24 13.46 9.61 3.57
C GLY B 24 12.30 8.88 2.92
N THR B 25 12.54 7.63 2.50
CA THR B 25 11.49 6.84 1.90
C THR B 25 10.44 6.50 2.95
N VAL B 26 10.86 6.22 4.18
CA VAL B 26 9.93 5.92 5.26
C VAL B 26 9.00 7.12 5.45
N LEU B 27 9.57 8.31 5.52
CA LEU B 27 8.80 9.53 5.72
C LEU B 27 7.80 9.78 4.60
N ALA B 28 8.22 9.55 3.36
CA ALA B 28 7.35 9.75 2.21
C ALA B 28 6.16 8.77 2.23
N TRP B 29 6.44 7.51 2.58
CA TRP B 29 5.39 6.51 2.64
C TRP B 29 4.37 6.82 3.74
N MSE B 30 4.86 7.27 4.89
CA MSE B 30 3.98 7.61 6.02
C MSE B 30 3.09 8.80 5.64
O MSE B 30 1.88 8.80 5.87
CB MSE B 30 4.79 7.99 7.26
CG MSE B 30 5.62 6.87 7.84
SE MSE B 30 6.46 7.47 9.48
CE MSE B 30 6.45 5.80 10.46
N ASP B 31 3.70 9.83 5.06
CA ASP B 31 2.95 11.00 4.66
C ASP B 31 1.88 10.59 3.66
N GLN B 32 2.25 9.70 2.74
CA GLN B 32 1.30 9.24 1.75
C GLN B 32 0.16 8.48 2.45
N ALA B 33 0.50 7.69 3.46
CA ALA B 33 -0.51 6.94 4.20
C ALA B 33 -1.48 7.90 4.88
N ALA B 34 -0.93 8.93 5.54
CA ALA B 34 -1.72 9.94 6.24
C ALA B 34 -2.54 10.77 5.26
N PHE B 35 -1.99 11.01 4.08
CA PHE B 35 -2.70 11.77 3.05
C PHE B 35 -3.98 11.04 2.64
N VAL B 36 -3.87 9.72 2.46
CA VAL B 36 -5.01 8.89 2.07
C VAL B 36 -6.06 8.82 3.18
N ALA B 37 -5.61 8.58 4.41
CA ALA B 37 -6.52 8.50 5.55
C ALA B 37 -7.26 9.83 5.75
N ALA B 38 -6.55 10.95 5.65
CA ALA B 38 -7.15 12.26 5.84
C ALA B 38 -8.15 12.55 4.72
N THR B 39 -7.79 12.16 3.50
CA THR B 39 -8.66 12.37 2.35
C THR B 39 -9.99 11.63 2.49
N ARG B 40 -9.93 10.39 2.96
CA ARG B 40 -11.13 9.59 3.12
C ARG B 40 -12.04 10.14 4.21
N HIS B 41 -11.46 10.72 5.25
CA HIS B 41 -12.28 11.27 6.31
C HIS B 41 -12.88 12.61 5.91
N ALA B 42 -12.07 13.46 5.28
CA ALA B 42 -12.53 14.79 4.87
C ALA B 42 -13.37 14.81 3.60
N ARG B 43 -13.21 13.80 2.76
CA ARG B 43 -13.97 13.73 1.52
C ARG B 43 -13.70 15.00 0.71
N LYS B 44 -12.50 15.56 0.86
CA LYS B 44 -12.09 16.77 0.15
C LYS B 44 -10.60 16.71 -0.13
N LYS B 45 -10.10 17.71 -0.85
CA LYS B 45 -8.67 17.79 -1.14
C LYS B 45 -8.01 18.10 0.21
N VAL B 46 -6.85 17.50 0.45
CA VAL B 46 -6.13 17.70 1.70
C VAL B 46 -4.64 17.97 1.45
N VAL B 47 -3.99 18.64 2.40
CA VAL B 47 -2.56 18.92 2.31
C VAL B 47 -1.93 18.71 3.68
N THR B 48 -0.65 18.34 3.69
CA THR B 48 0.07 18.12 4.94
C THR B 48 0.61 19.48 5.39
N VAL B 49 0.36 19.86 6.64
CA VAL B 49 0.84 21.13 7.13
C VAL B 49 1.86 20.95 8.24
N HIS B 50 1.86 19.78 8.85
CA HIS B 50 2.76 19.55 9.96
C HIS B 50 3.03 18.06 10.21
N ALA B 51 4.22 17.78 10.69
CA ALA B 51 4.61 16.43 11.04
C ALA B 51 5.37 16.56 12.34
N ASP B 52 5.24 15.59 13.23
CA ASP B 52 5.99 15.64 14.47
C ASP B 52 6.22 14.26 15.04
N ALA B 53 7.02 14.21 16.10
CA ALA B 53 7.32 12.97 16.78
C ALA B 53 7.47 11.76 15.88
N VAL B 54 8.37 11.82 14.90
CA VAL B 54 8.60 10.64 14.07
C VAL B 54 9.82 9.96 14.65
N ASP B 55 9.65 8.72 15.09
CA ASP B 55 10.76 7.97 15.67
C ASP B 55 11.09 6.76 14.81
N PHE B 56 12.38 6.56 14.58
CA PHE B 56 12.87 5.42 13.81
C PHE B 56 13.51 4.54 14.88
N LYS B 57 12.72 3.61 15.39
CA LYS B 57 13.14 2.71 16.45
C LYS B 57 14.05 1.57 16.03
N ARG B 58 13.69 0.90 14.96
CA ARG B 58 14.47 -0.22 14.48
C ARG B 58 14.67 -0.14 12.97
N PRO B 59 15.82 -0.64 12.47
CA PRO B 59 16.09 -0.61 11.03
C PRO B 59 15.24 -1.62 10.27
N VAL B 60 14.98 -1.34 9.00
CA VAL B 60 14.21 -2.23 8.16
C VAL B 60 15.16 -2.79 7.10
N PRO B 61 15.54 -4.08 7.22
CA PRO B 61 16.45 -4.69 6.26
C PRO B 61 15.91 -4.88 4.84
N LEU B 62 16.83 -4.96 3.88
CA LEU B 62 16.48 -5.17 2.48
C LEU B 62 15.68 -6.49 2.48
N GLY B 63 14.61 -6.55 1.71
CA GLY B 63 13.84 -7.79 1.63
C GLY B 63 12.75 -7.98 2.68
N ALA B 64 12.59 -7.00 3.56
CA ALA B 64 11.57 -7.11 4.58
C ALA B 64 10.22 -6.73 3.99
N ILE B 65 9.15 -7.20 4.61
CA ILE B 65 7.81 -6.86 4.18
C ILE B 65 7.37 -5.87 5.26
N VAL B 66 7.02 -4.67 4.83
CA VAL B 66 6.63 -3.65 5.78
C VAL B 66 5.16 -3.27 5.61
N GLU B 67 4.49 -2.96 6.71
CA GLU B 67 3.11 -2.56 6.62
C GLU B 67 2.89 -1.22 7.33
N LEU B 68 2.28 -0.28 6.62
CA LEU B 68 1.99 1.01 7.20
C LEU B 68 0.52 1.07 7.56
N VAL B 69 0.23 1.54 8.75
CA VAL B 69 -1.14 1.68 9.22
C VAL B 69 -1.34 3.11 9.69
N ALA B 70 -2.30 3.81 9.08
CA ALA B 70 -2.58 5.18 9.44
C ALA B 70 -3.93 5.23 10.14
N ARG B 71 -3.99 5.95 11.25
CA ARG B 71 -5.23 6.10 12.02
C ARG B 71 -5.49 7.55 12.40
N LEU B 72 -6.71 8.00 12.14
CA LEU B 72 -7.13 9.36 12.47
C LEU B 72 -7.22 9.40 14.01
N LYS B 73 -6.47 10.30 14.63
CA LYS B 73 -6.45 10.41 16.09
C LYS B 73 -7.34 11.52 16.64
N GLU B 74 -7.31 12.67 15.98
CA GLU B 74 -8.13 13.79 16.41
C GLU B 74 -8.46 14.73 15.28
N VAL B 75 -9.55 15.46 15.45
CA VAL B 75 -10.01 16.40 14.44
C VAL B 75 -10.29 17.75 15.10
N GLY B 76 -9.88 18.82 14.41
CA GLY B 76 -10.12 20.16 14.91
C GLY B 76 -11.29 20.70 14.12
N ARG B 77 -11.05 21.70 13.27
CA ARG B 77 -12.11 22.26 12.45
C ARG B 77 -11.83 21.85 10.99
N THR B 78 -10.69 22.26 10.48
CA THR B 78 -10.31 21.92 9.10
C THR B 78 -9.11 20.98 9.12
N SER B 79 -8.51 20.79 10.29
CA SER B 79 -7.34 19.94 10.43
C SER B 79 -7.62 18.57 11.04
N MSE B 80 -6.73 17.63 10.77
CA MSE B 80 -6.83 16.26 11.26
C MSE B 80 -5.45 15.78 11.63
O MSE B 80 -4.49 16.04 10.90
CB MSE B 80 -7.40 15.33 10.18
CG MSE B 80 -8.77 15.71 9.68
SE MSE B 80 -9.10 15.05 7.86
CE MSE B 80 -8.48 16.59 6.89
N ARG B 81 -5.33 15.08 12.74
CA ARG B 81 -4.05 14.52 13.15
C ARG B 81 -4.13 13.02 12.91
N VAL B 82 -3.19 12.52 12.10
CA VAL B 82 -3.14 11.11 11.77
C VAL B 82 -1.84 10.51 12.29
N GLU B 83 -1.97 9.37 12.95
CA GLU B 83 -0.80 8.67 13.46
C GLU B 83 -0.47 7.55 12.47
N VAL B 84 0.79 7.43 12.10
CA VAL B 84 1.19 6.38 11.17
C VAL B 84 2.26 5.50 11.82
N GLU B 85 2.07 4.19 11.72
CA GLU B 85 3.01 3.21 12.27
C GLU B 85 3.53 2.36 11.13
N MSE B 86 4.77 1.94 11.23
CA MSE B 86 5.34 1.08 10.20
C MSE B 86 5.88 -0.18 10.88
O MSE B 86 6.82 -0.11 11.67
CB MSE B 86 6.44 1.78 9.41
CG MSE B 86 7.11 0.85 8.45
SE MSE B 86 8.46 1.62 7.28
CE MSE B 86 9.92 1.64 8.53
N TRP B 87 5.27 -1.32 10.56
CA TRP B 87 5.67 -2.61 11.11
C TRP B 87 6.36 -3.48 10.09
N VAL B 88 7.37 -4.23 10.52
CA VAL B 88 8.00 -5.15 9.59
C VAL B 88 7.40 -6.50 9.97
N GLU B 89 6.87 -7.18 8.97
CA GLU B 89 6.22 -8.46 9.19
C GLU B 89 7.12 -9.59 8.68
N PRO B 90 7.87 -10.22 9.60
CA PRO B 90 8.76 -11.32 9.25
C PRO B 90 8.07 -12.44 8.48
N VAL B 91 8.81 -13.04 7.57
CA VAL B 91 8.30 -14.12 6.73
C VAL B 91 8.52 -15.48 7.37
N LYS B 92 9.73 -15.71 7.87
CA LYS B 92 10.08 -16.98 8.49
C LYS B 92 9.03 -17.39 9.54
N GLU B 93 8.73 -18.67 9.57
CA GLU B 93 7.74 -19.19 10.52
C GLU B 93 8.14 -18.86 11.95
N GLY B 94 7.15 -18.50 12.77
CA GLY B 94 7.39 -18.17 14.17
C GLY B 94 8.33 -17.00 14.38
N GLU B 95 8.78 -16.38 13.28
CA GLU B 95 9.69 -15.24 13.37
C GLU B 95 9.00 -14.03 13.99
N GLU B 96 9.78 -13.01 14.30
CA GLU B 96 9.28 -11.80 14.94
C GLU B 96 8.13 -11.07 14.23
N ALA B 97 7.95 -9.82 14.61
CA ALA B 97 6.92 -8.91 14.07
C ALA B 97 7.05 -7.69 14.97
N TYR B 98 7.71 -6.64 14.47
CA TYR B 98 7.93 -5.46 15.29
C TYR B 98 7.66 -4.11 14.67
N LEU B 99 7.50 -3.13 15.54
CA LEU B 99 7.25 -1.75 15.14
C LEU B 99 8.61 -1.15 14.81
N ALA B 100 8.75 -0.65 13.59
CA ALA B 100 10.02 -0.07 13.16
C ALA B 100 10.01 1.45 13.28
N ALA B 101 8.84 2.05 13.07
CA ALA B 101 8.72 3.51 13.12
C ALA B 101 7.29 3.93 13.36
N ARG B 102 7.14 5.16 13.84
CA ARG B 102 5.83 5.74 14.11
C ARG B 102 5.96 7.26 14.07
N GLY B 103 4.90 7.92 13.62
CA GLY B 103 4.94 9.37 13.55
C GLY B 103 3.54 9.94 13.46
N GLY B 104 3.45 11.25 13.68
CA GLY B 104 2.17 11.92 13.59
C GLY B 104 2.20 12.99 12.51
N PHE B 105 1.09 13.15 11.82
CA PHE B 105 1.00 14.15 10.76
C PHE B 105 -0.28 14.92 10.94
N VAL B 106 -0.25 16.20 10.57
CA VAL B 106 -1.44 17.02 10.65
C VAL B 106 -1.74 17.47 9.24
N LEU B 107 -2.96 17.17 8.79
CA LEU B 107 -3.37 17.54 7.46
C LEU B 107 -4.60 18.45 7.53
N VAL B 108 -4.71 19.30 6.52
CA VAL B 108 -5.80 20.27 6.44
C VAL B 108 -6.59 20.14 5.14
N ALA B 109 -7.90 20.04 5.27
CA ALA B 109 -8.77 19.95 4.09
C ALA B 109 -8.89 21.36 3.52
N VAL B 110 -8.93 21.47 2.20
CA VAL B 110 -9.03 22.78 1.55
C VAL B 110 -10.05 22.72 0.42
N ASP B 111 -10.63 23.87 0.09
CA ASP B 111 -11.60 23.92 -1.00
C ASP B 111 -10.86 24.02 -2.32
N GLU B 112 -11.60 24.07 -3.43
CA GLU B 112 -10.98 24.18 -4.73
C GLU B 112 -10.18 25.46 -4.86
N ARG B 113 -10.45 26.40 -3.96
CA ARG B 113 -9.74 27.67 -3.96
C ARG B 113 -8.44 27.55 -3.18
N GLY B 114 -8.29 26.44 -2.45
CA GLY B 114 -7.09 26.22 -1.67
C GLY B 114 -7.22 26.73 -0.24
N ARG B 115 -8.43 27.13 0.12
CA ARG B 115 -8.73 27.66 1.44
C ARG B 115 -9.14 26.54 2.39
N PRO B 116 -8.65 26.56 3.64
CA PRO B 116 -9.01 25.52 4.62
C PRO B 116 -10.52 25.35 4.74
N SER B 117 -10.99 24.11 4.65
CA SER B 117 -12.41 23.79 4.77
C SER B 117 -12.65 22.83 5.92
N PRO B 118 -13.78 22.98 6.62
CA PRO B 118 -14.12 22.12 7.75
C PRO B 118 -14.33 20.65 7.36
N VAL B 119 -13.99 19.76 8.27
CA VAL B 119 -14.13 18.33 8.03
C VAL B 119 -15.11 17.75 9.04
N PRO B 120 -15.71 16.60 8.73
CA PRO B 120 -16.66 15.94 9.65
C PRO B 120 -16.02 15.70 11.00
N PRO B 121 -16.84 15.50 12.05
CA PRO B 121 -16.30 15.24 13.39
C PRO B 121 -15.67 13.86 13.47
N LEU B 122 -14.91 13.61 14.53
CA LEU B 122 -14.27 12.31 14.71
C LEU B 122 -15.29 11.34 15.33
N GLU B 123 -15.64 10.30 14.58
CA GLU B 123 -16.60 9.32 15.06
C GLU B 123 -15.88 8.10 15.63
N1A COA C . 2.25 -21.04 -15.44
C2A COA C . 1.72 -21.49 -14.29
N3A COA C . 2.32 -22.20 -13.31
C4A COA C . 3.59 -22.50 -13.64
C5A COA C . 4.28 -22.10 -14.78
C6A COA C . 3.57 -21.27 -15.68
N6A COA C . 4.16 -20.62 -16.69
N7A COA C . 5.57 -22.59 -14.77
C8A COA C . 5.66 -23.23 -13.62
N9A COA C . 4.48 -23.26 -12.92
C1B COA C . 4.23 -23.91 -11.63
C2B COA C . 4.13 -25.43 -11.73
O2B COA C . 2.82 -25.82 -12.09
C3B COA C . 4.50 -25.83 -10.31
O3B COA C . 3.39 -25.64 -9.47
P3B COA C . 3.03 -26.76 -8.38
O7A COA C . 1.93 -26.25 -7.51
O8A COA C . 4.22 -27.14 -7.60
O9A COA C . 2.56 -27.99 -9.07
C4B COA C . 5.59 -24.82 -9.95
O4B COA C . 5.34 -23.66 -10.78
C5B COA C . 7.01 -25.28 -10.15
O5B COA C . 7.15 -25.91 -11.42
P1A COA C . 8.50 -26.67 -11.81
O1A COA C . 8.28 -27.31 -13.14
O2A COA C . 8.93 -27.50 -10.66
O3A COA C . 9.57 -25.49 -11.96
P2A COA C . 9.87 -24.81 -13.37
O4A COA C . 10.91 -25.61 -14.07
O5A COA C . 8.60 -24.51 -14.06
O6A COA C . 10.54 -23.43 -12.95
CBP COA C . 10.71 -21.29 -11.82
CCP COA C . 9.88 -22.55 -12.03
CDP COA C . 9.86 -20.26 -11.06
CEP COA C . 11.94 -21.66 -10.99
CAP COA C . 11.13 -20.71 -13.18
OAP COA C . 10.00 -20.63 -14.05
C9P COA C . 11.75 -19.33 -12.99
O9P COA C . 12.81 -19.19 -12.39
N8P COA C . 11.10 -18.31 -13.56
C7P COA C . 11.51 -16.91 -13.43
C6P COA C . 10.92 -16.25 -12.18
C5P COA C . 11.21 -14.75 -12.13
O5P COA C . 12.33 -14.32 -12.39
N4P COA C . 10.17 -13.95 -11.92
C3P COA C . 10.25 -12.49 -11.98
C2P COA C . 10.94 -11.94 -10.76
S1P COA C . 9.86 -11.88 -9.29
N1A COA D . 0.99 22.82 12.82
C2A COA D . -0.23 22.33 13.15
N3A COA D . -1.42 22.67 12.66
C4A COA D . -1.33 23.74 11.83
C5A COA D . -0.16 24.32 11.37
C6A COA D . 1.06 23.79 11.87
N6A COA D . 2.27 24.22 11.48
N7A COA D . -0.44 25.40 10.54
C8A COA D . -1.74 25.33 10.38
N9A COA D . -2.35 24.40 11.19
C1B COA D . -3.78 24.12 11.31
C2B COA D . -4.55 25.18 12.09
O2B COA D . -4.46 24.95 13.49
C3B COA D . -5.95 24.99 11.54
O3B COA D . -6.54 23.84 12.15
P3B COA D . -8.07 23.89 12.60
O7A COA D . -8.52 22.54 12.99
O8A COA D . -8.93 24.48 11.54
O9A COA D . -8.21 24.76 13.81
C4B COA D . -5.68 24.70 10.06
O4B COA D . -4.34 24.13 10.01
C5B COA D . -5.77 25.87 9.12
O5B COA D . -5.59 27.10 9.84
P1A COA D . -4.98 28.39 9.13
O1A COA D . -4.85 29.45 10.17
O2A COA D . -5.74 28.66 7.90
O3A COA D . -3.50 27.95 8.73
P2A COA D . -2.70 28.69 7.57
O4A COA D . -2.93 30.14 7.64
O5A COA D . -1.32 28.16 7.60
O6A COA D . -3.40 28.15 6.24
CBP COA D . -2.20 26.66 4.75
CCP COA D . -2.68 28.09 5.01
CDP COA D . -2.52 25.78 5.96
CEP COA D . -2.94 26.14 3.53
CAP COA D . -0.65 26.67 4.52
OAP COA D . 0.01 26.26 5.71
C9P COA D . -0.22 25.80 3.34
O9P COA D . -0.58 26.07 2.20
N8P COA D . 0.87 25.07 3.57
C7P COA D . 1.56 24.28 2.55
C6P COA D . 0.95 22.88 2.40
C5P COA D . 1.74 22.01 1.45
O5P COA D . 2.21 22.48 0.41
N4P COA D . 2.11 20.82 1.92
C3P COA D . 2.89 19.86 1.15
C2P COA D . 2.14 19.41 -0.10
S1P COA D . 0.98 18.04 0.21
#